data_5UCQ
#
_entry.id   5UCQ
#
_cell.length_a   100.161
_cell.length_b   100.161
_cell.length_c   97.801
_cell.angle_alpha   90.00
_cell.angle_beta   90.00
_cell.angle_gamma   120.00
#
_symmetry.space_group_name_H-M   'P 32 2 1'
#
loop_
_entity.id
_entity.type
_entity.pdbx_description
1 polymer 'Inorganic pyrophosphatase'
2 non-polymer 'CALCIUM ION'
3 non-polymer 1,2-ETHANEDIOL
4 non-polymer (4R)-2-METHYLPENTANE-2,4-DIOL
5 non-polymer 'PYROPHOSPHATE 2-'
6 non-polymer 'SODIUM ION'
7 water water
#
_entity_poly.entity_id   1
_entity_poly.type   'polypeptide(L)'
_entity_poly.pdbx_seq_one_letter_code
;MNPFHELEPGPEVPEVVYALIEIPKGSRNKYELDKKTGLLKLDRVLYSPFFYPVDYGIIPQTWYDDGDPFDIMVIMREPV
YPLTIIEARPIGIMKMEDSGDKDWKVLAVPVEDPYFNDWKDISDVPKAFLDEIAHFFQRYKELQGKTTKIEGWGNAEEAK
REILRAIEMYKEKFGKEE
;
_entity_poly.pdbx_strand_id   A,B,C
#
# COMPACT_ATOMS: atom_id res chain seq x y z
N MET A 1 14.58 -0.12 4.49
CA MET A 1 14.55 1.27 4.92
C MET A 1 13.42 1.48 5.91
N ASN A 2 13.75 1.75 7.16
CA ASN A 2 12.77 1.94 8.16
C ASN A 2 12.36 3.39 8.31
N PRO A 3 11.18 3.82 7.89
CA PRO A 3 10.82 5.25 7.90
C PRO A 3 10.74 5.84 9.30
N PHE A 4 10.51 5.02 10.32
CA PHE A 4 10.49 5.55 11.69
C PHE A 4 11.88 6.02 12.11
N HIS A 5 12.90 5.21 11.82
CA HIS A 5 14.25 5.51 12.28
C HIS A 5 15.07 6.35 11.30
N GLU A 6 14.78 6.27 10.00
CA GLU A 6 15.68 6.82 9.00
C GLU A 6 15.20 8.11 8.38
N LEU A 7 13.97 8.52 8.65
CA LEU A 7 13.42 9.77 8.15
C LEU A 7 13.44 10.80 9.27
N GLU A 8 13.80 12.03 8.92
N GLU A 8 13.80 12.03 8.92
CA GLU A 8 13.80 13.12 9.88
CA GLU A 8 13.80 13.12 9.89
C GLU A 8 12.38 13.44 10.33
C GLU A 8 12.38 13.46 10.31
N PRO A 9 12.21 14.09 11.48
CA PRO A 9 10.84 14.40 11.95
C PRO A 9 10.08 15.32 11.04
N GLY A 10 10.77 16.17 10.27
CA GLY A 10 10.07 17.10 9.40
C GLY A 10 11.05 17.96 8.64
N PRO A 11 10.54 18.65 7.61
CA PRO A 11 11.40 19.54 6.82
C PRO A 11 11.54 20.93 7.43
N GLU A 12 10.67 21.32 8.36
N GLU A 12 10.68 21.30 8.38
CA GLU A 12 10.73 22.64 8.97
CA GLU A 12 10.65 22.63 8.96
C GLU A 12 10.18 22.55 10.40
C GLU A 12 10.14 22.51 10.40
N VAL A 13 10.83 21.70 11.20
CA VAL A 13 10.34 21.35 12.54
C VAL A 13 10.35 22.60 13.43
N PRO A 14 9.29 22.86 14.22
CA PRO A 14 8.07 22.06 14.33
C PRO A 14 6.90 22.67 13.55
N GLU A 15 7.19 23.64 12.67
CA GLU A 15 6.14 24.29 11.88
C GLU A 15 5.58 23.35 10.82
N VAL A 16 6.43 22.51 10.22
CA VAL A 16 6.00 21.49 9.28
C VAL A 16 6.70 20.20 9.66
N VAL A 17 5.92 19.15 9.89
CA VAL A 17 6.47 17.85 10.24
C VAL A 17 6.06 16.85 9.17
N TYR A 18 6.74 15.72 9.13
CA TYR A 18 6.29 14.59 8.33
C TYR A 18 5.35 13.75 9.17
N ALA A 19 4.21 13.38 8.59
CA ALA A 19 3.32 12.40 9.18
C ALA A 19 3.40 11.16 8.32
N LEU A 20 3.82 10.05 8.92
N LEU A 20 3.84 10.05 8.93
CA LEU A 20 3.80 8.75 8.26
CA LEU A 20 3.80 8.75 8.29
C LEU A 20 2.49 8.08 8.66
C LEU A 20 2.47 8.11 8.67
N ILE A 21 1.56 8.00 7.71
CA ILE A 21 0.22 7.52 8.01
C ILE A 21 0.23 6.01 8.14
N GLU A 22 -0.38 5.50 9.21
CA GLU A 22 -0.63 4.09 9.39
C GLU A 22 -2.06 3.70 9.06
N ILE A 23 -3.04 4.52 9.44
CA ILE A 23 -4.45 4.17 9.34
C ILE A 23 -5.15 5.23 8.51
N PRO A 24 -5.70 4.89 7.35
CA PRO A 24 -6.52 5.86 6.60
C PRO A 24 -7.83 6.14 7.34
N LYS A 25 -8.27 7.39 7.26
CA LYS A 25 -9.60 7.73 7.76
CA LYS A 25 -9.60 7.73 7.76
C LYS A 25 -10.63 6.74 7.20
N GLY A 26 -11.52 6.30 8.07
CA GLY A 26 -12.57 5.36 7.69
C GLY A 26 -12.28 3.91 8.02
N SER A 27 -11.07 3.61 8.48
N SER A 27 -11.08 3.60 8.49
CA SER A 27 -10.70 2.24 8.81
CA SER A 27 -10.71 2.22 8.78
C SER A 27 -11.18 1.86 10.20
C SER A 27 -11.12 1.84 10.20
N ARG A 28 -11.61 0.60 10.34
CA ARG A 28 -11.77 -0.04 11.64
C ARG A 28 -10.59 -0.92 12.00
N ASN A 29 -9.77 -1.30 11.03
CA ASN A 29 -8.55 -2.06 11.30
C ASN A 29 -7.49 -1.12 11.86
N LYS A 30 -6.90 -1.49 12.99
CA LYS A 30 -5.89 -0.67 13.65
C LYS A 30 -4.51 -1.11 13.16
N TYR A 31 -4.12 -0.56 12.00
CA TYR A 31 -2.79 -0.82 11.46
C TYR A 31 -1.74 -0.04 12.23
N GLU A 32 -0.55 -0.61 12.32
N GLU A 32 -0.54 -0.61 12.31
N GLU A 32 -0.53 -0.58 12.27
CA GLU A 32 0.59 0.08 12.90
CA GLU A 32 0.59 0.03 12.96
CA GLU A 32 0.58 0.08 12.95
C GLU A 32 1.81 -0.21 12.05
C GLU A 32 1.87 -0.28 12.18
C GLU A 32 1.89 -0.29 12.27
N LEU A 33 2.78 0.69 12.15
CA LEU A 33 4.09 0.44 11.57
C LEU A 33 4.85 -0.49 12.51
N ASP A 34 5.32 -1.62 11.98
CA ASP A 34 6.23 -2.49 12.71
C ASP A 34 7.58 -1.78 12.81
N LYS A 35 7.91 -1.27 14.00
CA LYS A 35 9.06 -0.38 14.16
C LYS A 35 10.39 -1.05 13.88
N LYS A 36 10.43 -2.37 13.76
CA LYS A 36 11.64 -3.14 13.52
C LYS A 36 11.82 -3.44 12.03
N THR A 37 10.76 -3.88 11.35
CA THR A 37 10.84 -4.24 9.95
C THR A 37 10.42 -3.12 9.01
N GLY A 38 9.60 -2.18 9.47
CA GLY A 38 9.08 -1.16 8.60
C GLY A 38 7.86 -1.58 7.79
N LEU A 39 7.35 -2.78 8.02
CA LEU A 39 6.13 -3.23 7.36
C LEU A 39 4.92 -2.80 8.17
N LEU A 40 3.77 -2.74 7.48
CA LEU A 40 2.51 -2.51 8.16
C LEU A 40 2.05 -3.80 8.82
N LYS A 41 1.53 -3.67 10.03
CA LYS A 41 0.99 -4.80 10.78
C LYS A 41 -0.41 -4.46 11.23
N LEU A 42 -1.29 -5.46 11.26
CA LEU A 42 -2.59 -5.30 11.90
C LEU A 42 -2.37 -5.47 13.40
N ASP A 43 -2.47 -4.38 14.16
CA ASP A 43 -2.37 -4.55 15.61
C ASP A 43 -3.60 -5.26 16.15
N ARG A 44 -4.78 -4.81 15.73
CA ARG A 44 -6.05 -5.39 16.16
C ARG A 44 -7.14 -4.83 15.26
N VAL A 45 -8.31 -5.42 15.36
CA VAL A 45 -9.54 -4.84 14.82
C VAL A 45 -10.25 -4.15 15.98
N LEU A 46 -10.69 -2.91 15.80
CA LEU A 46 -11.39 -2.24 16.91
C LEU A 46 -12.59 -3.07 17.32
N TYR A 47 -12.84 -3.12 18.63
CA TYR A 47 -13.88 -3.99 19.16
C TYR A 47 -15.28 -3.45 18.93
N SER A 48 -15.39 -2.19 18.54
CA SER A 48 -16.65 -1.53 18.31
C SER A 48 -16.71 -1.06 16.86
N PRO A 49 -17.92 -0.83 16.31
CA PRO A 49 -18.05 -0.38 14.92
C PRO A 49 -17.80 1.11 14.80
N PHE A 50 -16.56 1.49 15.11
CA PHE A 50 -16.09 2.85 15.01
C PHE A 50 -15.01 2.89 13.94
N PHE A 51 -14.81 4.06 13.36
CA PHE A 51 -13.78 4.22 12.35
C PHE A 51 -12.89 5.42 12.69
N TYR A 52 -11.64 5.34 12.28
CA TYR A 52 -10.72 6.44 12.53
C TYR A 52 -11.22 7.71 11.83
N PRO A 53 -11.41 8.80 12.57
CA PRO A 53 -12.01 10.01 11.98
C PRO A 53 -11.01 10.88 11.22
N VAL A 54 -9.74 10.50 11.27
CA VAL A 54 -8.62 11.24 10.69
C VAL A 54 -7.67 10.19 10.11
N ASP A 55 -6.80 10.64 9.20
CA ASP A 55 -5.65 9.83 8.85
C ASP A 55 -4.69 9.82 10.04
N TYR A 56 -4.30 8.63 10.48
N TYR A 56 -4.32 8.62 10.48
CA TYR A 56 -3.67 8.46 11.78
CA TYR A 56 -3.69 8.42 11.77
C TYR A 56 -2.31 7.82 11.60
C TYR A 56 -2.30 7.84 11.55
N GLY A 57 -1.30 8.40 12.23
CA GLY A 57 0.04 7.85 12.10
C GLY A 57 1.03 8.38 13.11
N ILE A 58 2.30 8.50 12.68
CA ILE A 58 3.40 8.84 13.56
C ILE A 58 4.24 9.95 12.94
N ILE A 59 4.97 10.66 13.79
CA ILE A 59 6.04 11.53 13.36
C ILE A 59 7.34 10.73 13.43
N PRO A 60 8.10 10.62 12.34
CA PRO A 60 9.35 9.86 12.39
C PRO A 60 10.31 10.43 13.43
N GLN A 61 11.15 9.55 13.96
CA GLN A 61 12.20 9.96 14.90
C GLN A 61 11.62 10.72 16.09
N THR A 62 10.49 10.23 16.60
CA THR A 62 9.94 10.70 17.85
C THR A 62 9.67 9.51 18.76
N TRP A 63 9.53 9.81 20.05
CA TRP A 63 9.18 8.80 21.04
C TRP A 63 8.28 9.47 22.06
N TYR A 64 7.56 8.66 22.83
CA TYR A 64 6.54 9.21 23.72
C TYR A 64 6.36 8.32 24.94
N ASP A 65 5.61 8.86 25.92
CA ASP A 65 5.51 8.24 27.24
C ASP A 65 4.93 6.84 27.21
N ASP A 66 4.11 6.51 26.21
N ASP A 66 4.14 6.51 26.20
CA ASP A 66 3.50 5.19 26.11
CA ASP A 66 3.50 5.21 26.08
C ASP A 66 4.38 4.17 25.39
C ASP A 66 4.39 4.17 25.41
N GLY A 67 5.65 4.48 25.15
CA GLY A 67 6.55 3.56 24.50
CA GLY A 67 6.53 3.53 24.51
C GLY A 67 6.25 3.37 23.04
N ASP A 68 6.08 4.48 22.31
N ASP A 68 5.99 4.46 22.35
CA ASP A 68 5.49 4.51 20.98
CA ASP A 68 5.70 4.44 20.92
C ASP A 68 5.90 5.84 20.37
C ASP A 68 6.01 5.81 20.37
N PRO A 69 6.14 5.93 19.05
CA PRO A 69 6.37 7.25 18.45
C PRO A 69 5.18 8.16 18.74
N PHE A 70 5.41 9.46 18.60
CA PHE A 70 4.37 10.46 18.84
C PHE A 70 3.25 10.30 17.82
N ASP A 71 2.00 10.25 18.30
CA ASP A 71 0.84 10.07 17.43
C ASP A 71 0.47 11.39 16.75
N ILE A 72 0.12 11.31 15.47
CA ILE A 72 -0.31 12.47 14.72
C ILE A 72 -1.58 12.14 13.93
N MET A 73 -2.52 13.08 13.95
CA MET A 73 -3.80 12.98 13.27
C MET A 73 -3.81 14.03 12.17
N VAL A 74 -3.94 13.61 10.92
CA VAL A 74 -3.96 14.52 9.78
C VAL A 74 -5.35 14.53 9.17
N ILE A 75 -5.90 15.73 9.00
CA ILE A 75 -7.22 15.86 8.37
C ILE A 75 -7.02 15.82 6.85
N MET A 76 -7.40 14.71 6.22
CA MET A 76 -7.32 14.54 4.78
C MET A 76 -8.72 14.38 4.21
N ARG A 77 -9.00 15.09 3.12
CA ARG A 77 -10.30 14.94 2.45
C ARG A 77 -10.44 13.57 1.80
N GLU A 78 -9.47 13.18 0.97
CA GLU A 78 -9.37 11.81 0.47
C GLU A 78 -8.32 11.11 1.31
N PRO A 79 -8.64 10.01 1.98
CA PRO A 79 -7.64 9.34 2.82
C PRO A 79 -6.47 8.83 2.00
N VAL A 80 -5.29 8.77 2.61
CA VAL A 80 -4.12 8.25 1.96
C VAL A 80 -3.96 6.77 2.27
N TYR A 81 -3.09 6.10 1.54
CA TYR A 81 -2.79 4.71 1.78
C TYR A 81 -1.83 4.59 2.97
N PRO A 82 -1.85 3.47 3.69
CA PRO A 82 -0.86 3.27 4.75
C PRO A 82 0.56 3.42 4.22
N LEU A 83 1.43 4.00 5.05
CA LEU A 83 2.85 4.22 4.79
C LEU A 83 3.11 5.39 3.85
N THR A 84 2.11 6.24 3.62
CA THR A 84 2.31 7.48 2.86
C THR A 84 2.81 8.58 3.80
N ILE A 85 3.82 9.32 3.34
CA ILE A 85 4.33 10.50 4.04
C ILE A 85 3.52 11.72 3.62
N ILE A 86 3.07 12.50 4.61
CA ILE A 86 2.39 13.77 4.35
C ILE A 86 3.15 14.87 5.06
N GLU A 87 3.42 15.98 4.36
CA GLU A 87 3.93 17.18 4.99
CA GLU A 87 3.93 17.18 4.99
C GLU A 87 2.78 17.88 5.70
N ALA A 88 2.88 18.00 7.02
CA ALA A 88 1.72 18.39 7.83
C ALA A 88 2.04 19.58 8.72
N ARG A 89 1.06 20.49 8.82
CA ARG A 89 1.16 21.66 9.67
C ARG A 89 0.42 21.40 10.98
N PRO A 90 1.09 21.35 12.13
CA PRO A 90 0.38 21.18 13.41
C PRO A 90 -0.50 22.40 13.70
N ILE A 91 -1.75 22.14 14.08
CA ILE A 91 -2.69 23.20 14.45
C ILE A 91 -3.23 23.07 15.86
N GLY A 92 -2.96 21.96 16.55
CA GLY A 92 -3.46 21.79 17.90
C GLY A 92 -3.06 20.43 18.40
N ILE A 93 -3.53 20.13 19.61
CA ILE A 93 -3.11 18.87 20.25
C ILE A 93 -4.23 18.37 21.14
N MET A 94 -4.54 17.08 21.01
CA MET A 94 -5.53 16.44 21.88
C MET A 94 -4.84 15.91 23.12
N LYS A 95 -5.31 16.32 24.29
CA LYS A 95 -4.71 15.91 25.56
C LYS A 95 -5.42 14.67 26.06
N MET A 96 -4.73 13.54 25.99
CA MET A 96 -5.31 12.25 26.32
C MET A 96 -4.37 11.48 27.23
N GLU A 97 -4.96 10.84 28.25
N GLU A 97 -4.95 10.80 28.21
CA GLU A 97 -4.29 9.81 29.02
CA GLU A 97 -4.26 9.81 29.04
C GLU A 97 -4.85 8.48 28.57
C GLU A 97 -4.85 8.44 28.71
N ASP A 98 -3.97 7.50 28.35
CA ASP A 98 -4.39 6.19 27.85
C ASP A 98 -3.78 5.12 28.74
N SER A 99 -4.63 4.42 29.49
CA SER A 99 -4.18 3.33 30.35
C SER A 99 -3.11 3.80 31.33
N GLY A 100 -3.20 5.07 31.74
CA GLY A 100 -2.27 5.63 32.69
C GLY A 100 -1.08 6.33 32.07
N ASP A 101 -0.90 6.26 30.76
CA ASP A 101 0.20 6.91 30.07
C ASP A 101 -0.27 8.20 29.40
N LYS A 102 0.55 9.24 29.50
CA LYS A 102 0.34 10.40 28.64
C LYS A 102 0.40 9.94 27.18
N ASP A 103 -0.61 10.31 26.40
CA ASP A 103 -0.67 9.90 25.01
C ASP A 103 -1.35 10.98 24.17
N TRP A 104 -0.86 12.21 24.30
CA TRP A 104 -1.37 13.33 23.53
C TRP A 104 -1.11 13.10 22.05
N LYS A 105 -1.92 13.74 21.21
CA LYS A 105 -1.84 13.54 19.76
C LYS A 105 -1.89 14.86 19.01
N VAL A 106 -0.95 15.08 18.11
CA VAL A 106 -0.97 16.28 17.28
C VAL A 106 -2.15 16.20 16.32
N LEU A 107 -2.87 17.31 16.17
CA LEU A 107 -3.83 17.50 15.10
C LEU A 107 -3.19 18.40 14.06
N ALA A 108 -3.19 17.96 12.80
CA ALA A 108 -2.48 18.67 11.74
C ALA A 108 -3.28 18.65 10.46
N VAL A 109 -2.94 19.57 9.56
CA VAL A 109 -3.53 19.61 8.21
C VAL A 109 -2.43 19.45 7.16
N PRO A 110 -2.76 18.94 5.97
CA PRO A 110 -1.74 18.82 4.92
C PRO A 110 -1.38 20.19 4.37
N VAL A 111 -0.07 20.45 4.31
N VAL A 111 -0.07 20.46 4.29
CA VAL A 111 0.43 21.70 3.74
CA VAL A 111 0.37 21.75 3.76
C VAL A 111 -0.02 21.85 2.29
C VAL A 111 0.15 21.86 2.26
N GLU A 112 -0.03 20.74 1.55
CA GLU A 112 -0.23 20.78 0.10
C GLU A 112 -1.66 20.47 -0.33
N ASP A 113 -2.63 20.66 0.57
CA ASP A 113 -4.04 20.73 0.15
C ASP A 113 -4.52 22.15 0.40
N PRO A 114 -4.77 22.94 -0.65
CA PRO A 114 -5.13 24.35 -0.44
C PRO A 114 -6.45 24.54 0.30
N TYR A 115 -7.29 23.50 0.37
CA TYR A 115 -8.51 23.56 1.17
C TYR A 115 -8.22 24.03 2.60
N PHE A 116 -7.08 23.63 3.15
CA PHE A 116 -6.74 23.89 4.55
C PHE A 116 -5.81 25.08 4.75
N ASN A 117 -5.62 25.92 3.72
CA ASN A 117 -4.62 26.99 3.81
C ASN A 117 -4.87 27.91 4.99
N ASP A 118 -6.12 28.16 5.34
N ASP A 118 -6.12 28.18 5.34
CA ASP A 118 -6.48 29.08 6.41
CA ASP A 118 -6.40 29.09 6.44
C ASP A 118 -6.70 28.36 7.75
C ASP A 118 -6.46 28.41 7.80
N TRP A 119 -6.39 27.08 7.84
CA TRP A 119 -6.42 26.35 9.11
C TRP A 119 -5.03 26.46 9.72
N LYS A 120 -4.90 27.27 10.77
CA LYS A 120 -3.62 27.53 11.42
C LYS A 120 -3.63 27.24 12.91
N ASP A 121 -4.79 27.12 13.55
CA ASP A 121 -4.84 26.94 14.98
C ASP A 121 -6.12 26.20 15.35
N ILE A 122 -6.20 25.82 16.63
CA ILE A 122 -7.25 24.92 17.09
C ILE A 122 -8.63 25.56 16.93
N SER A 123 -8.70 26.90 17.00
CA SER A 123 -9.95 27.62 16.84
C SER A 123 -10.47 27.61 15.41
N ASP A 124 -9.70 27.10 14.44
CA ASP A 124 -10.15 27.01 13.07
C ASP A 124 -10.91 25.71 12.78
N VAL A 125 -10.96 24.78 13.73
CA VAL A 125 -11.59 23.47 13.51
C VAL A 125 -13.03 23.54 13.99
N PRO A 126 -14.00 23.03 13.23
CA PRO A 126 -15.37 22.99 13.75
C PRO A 126 -15.43 22.27 15.09
N LYS A 127 -16.15 22.87 16.04
CA LYS A 127 -16.24 22.30 17.38
C LYS A 127 -16.75 20.86 17.35
N ALA A 128 -17.75 20.58 16.51
CA ALA A 128 -18.30 19.24 16.46
C ALA A 128 -17.26 18.22 15.99
N PHE A 129 -16.32 18.65 15.16
CA PHE A 129 -15.28 17.74 14.70
C PHE A 129 -14.27 17.43 15.82
N LEU A 130 -13.87 18.45 16.58
CA LEU A 130 -13.04 18.19 17.75
C LEU A 130 -13.76 17.24 18.71
N ASP A 131 -15.07 17.46 18.90
CA ASP A 131 -15.82 16.59 19.80
C ASP A 131 -15.88 15.16 19.29
N GLU A 132 -16.03 15.00 17.97
CA GLU A 132 -16.12 13.65 17.43
C GLU A 132 -14.80 12.90 17.59
N ILE A 133 -13.68 13.60 17.43
CA ILE A 133 -12.38 12.96 17.64
C ILE A 133 -12.19 12.59 19.10
N ALA A 134 -12.48 13.53 20.00
CA ALA A 134 -12.36 13.24 21.41
C ALA A 134 -13.25 12.08 21.82
N HIS A 135 -14.48 12.03 21.29
CA HIS A 135 -15.41 10.99 21.68
C HIS A 135 -14.93 9.62 21.20
N PHE A 136 -14.40 9.56 19.98
CA PHE A 136 -13.77 8.32 19.49
C PHE A 136 -12.72 7.83 20.48
N PHE A 137 -11.80 8.71 20.91
CA PHE A 137 -10.76 8.24 21.82
C PHE A 137 -11.28 7.99 23.22
N GLN A 138 -12.42 8.60 23.59
N GLN A 138 -12.41 8.61 23.59
N GLN A 138 -12.40 8.62 23.58
CA GLN A 138 -13.01 8.36 24.90
CA GLN A 138 -13.03 8.37 24.88
CA GLN A 138 -13.02 8.36 24.88
C GLN A 138 -13.68 7.00 24.98
C GLN A 138 -13.63 6.98 24.96
C GLN A 138 -13.58 6.95 24.95
N ARG A 139 -14.15 6.45 23.85
CA ARG A 139 -14.95 5.24 23.88
C ARG A 139 -14.39 4.06 23.08
N TYR A 140 -13.40 4.26 22.21
CA TYR A 140 -13.03 3.18 21.28
C TYR A 140 -12.43 1.96 21.97
N LYS A 141 -11.91 2.10 23.19
N LYS A 141 -11.88 2.09 23.18
CA LYS A 141 -11.34 0.97 23.94
CA LYS A 141 -11.31 0.96 23.89
C LYS A 141 -12.27 0.43 25.00
C LYS A 141 -12.14 0.58 25.12
N GLU A 142 -13.52 0.90 25.06
N GLU A 142 -13.42 0.91 25.12
CA GLU A 142 -14.38 0.54 26.18
CA GLU A 142 -14.30 0.50 26.22
C GLU A 142 -14.63 -0.97 26.26
C GLU A 142 -14.45 -1.02 26.26
N LEU A 143 -14.76 -1.63 25.11
CA LEU A 143 -14.95 -3.08 25.11
C LEU A 143 -13.66 -3.85 25.35
N GLN A 144 -12.50 -3.18 25.23
CA GLN A 144 -11.23 -3.77 25.63
C GLN A 144 -10.97 -3.62 27.13
N GLY A 145 -11.80 -2.86 27.84
CA GLY A 145 -11.61 -2.67 29.26
C GLY A 145 -10.44 -1.78 29.62
N LYS A 146 -10.05 -0.87 28.73
N LYS A 146 -9.98 -0.97 28.69
CA LYS A 146 -8.88 -0.01 28.93
CA LYS A 146 -8.93 -0.01 28.98
C LYS A 146 -9.32 1.44 29.10
C LYS A 146 -9.57 1.32 29.34
N THR A 147 -8.89 2.08 30.18
CA THR A 147 -9.36 3.40 30.56
C THR A 147 -8.63 4.47 29.78
N THR A 148 -9.40 5.37 29.16
CA THR A 148 -8.86 6.56 28.56
C THR A 148 -9.53 7.79 29.17
N LYS A 149 -8.78 8.89 29.19
N LYS A 149 -8.82 8.92 29.11
CA LYS A 149 -9.30 10.17 29.63
CA LYS A 149 -9.32 10.17 29.67
C LYS A 149 -8.92 11.20 28.59
C LYS A 149 -8.91 11.30 28.73
N ILE A 150 -9.88 12.02 28.20
CA ILE A 150 -9.64 13.15 27.30
C ILE A 150 -9.77 14.41 28.11
N GLU A 151 -8.70 15.13 28.26
CA GLU A 151 -8.67 16.34 29.07
C GLU A 151 -9.06 17.59 28.33
N GLY A 152 -8.96 17.62 27.04
CA GLY A 152 -9.25 18.81 26.27
C GLY A 152 -8.26 18.96 25.15
N TRP A 153 -8.19 20.17 24.61
CA TRP A 153 -7.39 20.48 23.43
C TRP A 153 -6.44 21.63 23.75
N GLY A 154 -5.21 21.51 23.25
CA GLY A 154 -4.26 22.60 23.27
C GLY A 154 -4.10 23.24 21.90
N ASN A 155 -3.53 24.44 21.87
CA ASN A 155 -3.40 25.19 20.62
C ASN A 155 -2.15 24.76 19.85
N ALA A 156 -1.91 25.44 18.72
CA ALA A 156 -0.81 25.07 17.84
C ALA A 156 0.54 25.23 18.53
N GLU A 157 0.69 26.29 19.33
N GLU A 157 0.69 26.28 19.35
CA GLU A 157 1.96 26.48 20.03
CA GLU A 157 1.96 26.48 20.03
C GLU A 157 2.22 25.33 21.00
C GLU A 157 2.23 25.39 21.06
N GLU A 158 1.19 24.93 21.75
CA GLU A 158 1.36 23.81 22.68
C GLU A 158 1.68 22.52 21.92
N ALA A 159 1.07 22.34 20.76
CA ALA A 159 1.38 21.16 19.93
C ALA A 159 2.82 21.18 19.47
N LYS A 160 3.33 22.34 19.05
CA LYS A 160 4.70 22.42 18.55
C LYS A 160 5.71 22.17 19.66
N ARG A 161 5.42 22.68 20.87
CA ARG A 161 6.29 22.38 22.01
C ARG A 161 6.34 20.89 22.30
N GLU A 162 5.20 20.20 22.18
CA GLU A 162 5.19 18.77 22.46
C GLU A 162 5.92 17.97 21.38
N ILE A 163 5.87 18.45 20.13
CA ILE A 163 6.65 17.83 19.06
C ILE A 163 8.13 17.89 19.40
N LEU A 164 8.61 19.06 19.84
CA LEU A 164 10.00 19.20 20.23
C LEU A 164 10.36 18.23 21.37
N ARG A 165 9.45 18.08 22.34
CA ARG A 165 9.68 17.13 23.42
C ARG A 165 9.81 15.70 22.90
N ALA A 166 8.92 15.30 21.99
CA ALA A 166 8.94 13.94 21.47
C ALA A 166 10.17 13.68 20.62
N ILE A 167 10.64 14.70 19.89
CA ILE A 167 11.88 14.58 19.15
C ILE A 167 13.05 14.35 20.10
N GLU A 168 13.07 15.06 21.22
N GLU A 168 13.10 15.09 21.19
CA GLU A 168 14.14 14.85 22.19
CA GLU A 168 14.17 14.94 22.17
C GLU A 168 14.03 13.49 22.86
C GLU A 168 14.11 13.57 22.82
N MET A 169 12.80 13.00 23.09
N MET A 169 12.91 13.06 23.05
CA MET A 169 12.64 11.68 23.70
CA MET A 169 12.78 11.75 23.69
C MET A 169 13.17 10.57 22.81
C MET A 169 13.31 10.63 22.80
N TYR A 170 13.08 10.73 21.48
CA TYR A 170 13.65 9.75 20.58
C TYR A 170 15.17 9.73 20.67
N LYS A 171 15.79 10.90 20.65
CA LYS A 171 17.26 10.96 20.75
C LYS A 171 17.73 10.33 22.05
N GLU A 172 16.98 10.52 23.13
CA GLU A 172 17.37 9.95 24.41
C GLU A 172 17.18 8.43 24.41
N LYS A 173 16.08 7.95 23.83
CA LYS A 173 15.79 6.52 23.84
C LYS A 173 16.76 5.76 22.94
N PHE A 174 17.06 6.31 21.76
CA PHE A 174 17.80 5.58 20.73
C PHE A 174 19.20 6.10 20.47
N GLY A 175 19.53 7.29 20.98
CA GLY A 175 20.84 7.87 20.79
C GLY A 175 21.94 7.02 21.36
N MET B 1 15.54 -0.37 0.14
CA MET B 1 15.38 -0.72 -1.27
C MET B 1 14.69 0.40 -2.03
N ASN B 2 15.41 0.97 -3.01
CA ASN B 2 14.87 2.07 -3.79
C ASN B 2 14.33 1.53 -5.10
N PRO B 3 13.00 1.46 -5.28
CA PRO B 3 12.46 0.86 -6.52
C PRO B 3 12.90 1.59 -7.78
N PHE B 4 13.08 2.92 -7.71
CA PHE B 4 13.48 3.68 -8.88
C PHE B 4 14.86 3.24 -9.38
N HIS B 5 15.79 2.98 -8.45
CA HIS B 5 17.15 2.63 -8.84
C HIS B 5 17.41 1.13 -8.94
N GLU B 6 16.62 0.29 -8.27
CA GLU B 6 16.96 -1.13 -8.13
C GLU B 6 16.08 -2.07 -8.93
N LEU B 7 15.01 -1.59 -9.53
CA LEU B 7 14.22 -2.39 -10.47
C LEU B 7 14.69 -2.09 -11.88
N GLU B 8 14.79 -3.13 -12.70
N GLU B 8 14.79 -3.13 -12.70
CA GLU B 8 15.13 -2.92 -14.10
CA GLU B 8 15.12 -2.93 -14.10
C GLU B 8 13.97 -2.24 -14.83
C GLU B 8 13.97 -2.22 -14.82
N PRO B 9 14.25 -1.56 -15.95
CA PRO B 9 13.16 -0.88 -16.68
C PRO B 9 12.11 -1.83 -17.21
N GLY B 10 12.44 -3.09 -17.46
CA GLY B 10 11.46 -4.01 -17.97
C GLY B 10 12.08 -5.36 -18.27
N PRO B 11 11.22 -6.36 -18.49
CA PRO B 11 11.72 -7.70 -18.81
C PRO B 11 12.01 -7.89 -20.30
N GLU B 12 11.50 -7.02 -21.16
N GLU B 12 11.52 -6.99 -21.15
CA GLU B 12 11.74 -7.12 -22.60
CA GLU B 12 11.72 -7.04 -22.59
C GLU B 12 11.65 -5.73 -23.22
C GLU B 12 11.61 -5.60 -23.11
N VAL B 13 12.55 -4.85 -22.78
N VAL B 13 12.62 -4.80 -22.78
CA VAL B 13 12.49 -3.44 -23.17
CA VAL B 13 12.62 -3.39 -23.20
C VAL B 13 12.73 -3.31 -24.67
C VAL B 13 12.76 -3.31 -24.71
N PRO B 14 11.99 -2.45 -25.40
CA PRO B 14 10.90 -1.60 -24.92
C PRO B 14 9.52 -2.18 -25.18
N GLU B 15 9.47 -3.44 -25.61
CA GLU B 15 8.19 -4.08 -25.91
C GLU B 15 7.37 -4.32 -24.65
N VAL B 16 8.03 -4.68 -23.57
CA VAL B 16 7.39 -4.85 -22.27
C VAL B 16 8.25 -4.13 -21.25
N VAL B 17 7.64 -3.22 -20.49
CA VAL B 17 8.35 -2.49 -19.45
C VAL B 17 7.68 -2.80 -18.12
N TYR B 18 8.37 -2.48 -17.04
CA TYR B 18 7.75 -2.46 -15.73
C TYR B 18 7.21 -1.06 -15.49
N ALA B 19 5.95 -0.98 -15.12
CA ALA B 19 5.38 0.27 -14.62
C ALA B 19 5.28 0.11 -13.10
N LEU B 20 5.91 1.02 -12.38
N LEU B 20 5.90 1.03 -12.37
CA LEU B 20 5.75 1.08 -10.93
CA LEU B 20 5.77 1.11 -10.93
C LEU B 20 4.69 2.14 -10.67
C LEU B 20 4.69 2.16 -10.66
N ILE B 21 3.50 1.70 -10.27
CA ILE B 21 2.37 2.62 -10.11
C ILE B 21 2.53 3.43 -8.83
N GLU B 22 2.30 4.73 -8.94
CA GLU B 22 2.22 5.63 -7.79
C GLU B 22 0.79 6.01 -7.44
N ILE B 23 -0.06 6.24 -8.44
CA ILE B 23 -1.40 6.78 -8.27
C ILE B 23 -2.41 5.81 -8.89
N PRO B 24 -3.29 5.20 -8.11
CA PRO B 24 -4.35 4.38 -8.70
C PRO B 24 -5.35 5.27 -9.43
N LYS B 25 -5.86 4.75 -10.54
N LYS B 25 -5.90 4.74 -10.52
CA LYS B 25 -7.00 5.40 -11.21
CA LYS B 25 -6.97 5.42 -11.22
C LYS B 25 -8.07 5.74 -10.18
C LYS B 25 -8.10 5.73 -10.24
N GLY B 26 -8.61 6.96 -10.30
CA GLY B 26 -9.66 7.43 -9.43
C GLY B 26 -9.19 8.29 -8.27
N SER B 27 -7.89 8.43 -8.09
N SER B 27 -7.89 8.44 -8.09
CA SER B 27 -7.36 9.23 -7.00
CA SER B 27 -7.36 9.21 -6.97
C SER B 27 -7.34 10.71 -7.37
C SER B 27 -7.25 10.70 -7.33
N ARG B 28 -7.60 11.54 -6.36
CA ARG B 28 -7.31 12.97 -6.42
C ARG B 28 -6.01 13.33 -5.69
N ASN B 29 -5.54 12.45 -4.80
CA ASN B 29 -4.25 12.64 -4.14
C ASN B 29 -3.11 12.32 -5.11
N LYS B 30 -2.16 13.24 -5.22
CA LYS B 30 -1.04 13.07 -6.14
C LYS B 30 0.11 12.43 -5.39
N TYR B 31 0.06 11.10 -5.29
CA TYR B 31 1.15 10.34 -4.68
C TYR B 31 2.35 10.29 -5.60
N GLU B 32 3.55 10.26 -5.01
N GLU B 32 3.54 10.27 -5.01
CA GLU B 32 4.78 10.13 -5.76
CA GLU B 32 4.77 10.10 -5.75
C GLU B 32 5.76 9.27 -4.99
C GLU B 32 5.68 9.16 -4.98
N LEU B 33 6.55 8.49 -5.73
CA LEU B 33 7.65 7.75 -5.12
C LEU B 33 8.76 8.76 -4.84
N ASP B 34 9.23 8.83 -3.60
CA ASP B 34 10.38 9.67 -3.32
C ASP B 34 11.62 9.03 -3.92
N LYS B 35 12.25 9.71 -4.85
CA LYS B 35 13.44 9.20 -5.58
C LYS B 35 14.64 8.84 -4.73
N LYS B 36 14.77 9.46 -3.56
CA LYS B 36 15.93 9.20 -2.72
C LYS B 36 15.68 8.14 -1.65
N THR B 37 14.45 8.04 -1.15
CA THR B 37 14.14 7.18 -0.02
C THR B 37 13.30 5.95 -0.38
N GLY B 38 12.64 5.95 -1.52
CA GLY B 38 11.79 4.84 -1.90
CA GLY B 38 11.79 4.83 -1.89
C GLY B 38 10.44 4.78 -1.20
N LEU B 39 10.10 5.80 -0.43
N LEU B 39 10.09 5.82 -0.44
CA LEU B 39 8.82 5.85 0.27
CA LEU B 39 8.83 5.88 0.26
C LEU B 39 7.77 6.58 -0.57
C LEU B 39 7.78 6.56 -0.61
N LEU B 40 6.51 6.22 -0.37
CA LEU B 40 5.42 6.92 -1.03
C LEU B 40 5.14 8.22 -0.28
N LYS B 41 5.01 9.31 -1.04
CA LYS B 41 4.77 10.62 -0.47
C LYS B 41 3.54 11.23 -1.14
N LEU B 42 2.78 12.00 -0.37
CA LEU B 42 1.74 12.84 -0.95
C LEU B 42 2.43 14.10 -1.46
N ASP B 43 2.53 14.24 -2.79
CA ASP B 43 3.10 15.48 -3.31
C ASP B 43 2.15 16.64 -3.08
N ARG B 44 0.87 16.44 -3.39
CA ARG B 44 -0.16 17.46 -3.24
C ARG B 44 -1.50 16.78 -3.43
N VAL B 45 -2.56 17.53 -3.10
CA VAL B 45 -3.93 17.17 -3.48
C VAL B 45 -4.26 18.02 -4.70
N LEU B 46 -4.80 17.42 -5.75
CA LEU B 46 -5.12 18.22 -6.93
C LEU B 46 -6.08 19.33 -6.53
N TYR B 47 -5.88 20.52 -7.12
CA TYR B 47 -6.63 21.69 -6.72
C TYR B 47 -8.06 21.67 -7.25
N SER B 48 -8.36 20.80 -8.20
CA SER B 48 -9.67 20.69 -8.82
C SER B 48 -10.21 19.31 -8.56
N PRO B 49 -11.55 19.12 -8.63
CA PRO B 49 -12.15 17.80 -8.38
C PRO B 49 -12.02 16.91 -9.61
N PHE B 50 -10.78 16.60 -9.96
CA PHE B 50 -10.43 15.72 -11.05
C PHE B 50 -9.80 14.48 -10.43
N PHE B 51 -9.86 13.37 -11.17
CA PHE B 51 -9.22 12.14 -10.72
C PHE B 51 -8.34 11.58 -11.83
N TYR B 52 -7.28 10.88 -11.42
CA TYR B 52 -6.40 10.28 -12.41
C TYR B 52 -7.16 9.28 -13.26
N PRO B 53 -7.18 9.42 -14.59
CA PRO B 53 -8.00 8.55 -15.43
C PRO B 53 -7.35 7.21 -15.75
N VAL B 54 -6.12 7.02 -15.28
CA VAL B 54 -5.28 5.85 -15.55
C VAL B 54 -4.51 5.57 -14.26
N ASP B 55 -4.02 4.34 -14.14
CA ASP B 55 -3.02 4.07 -13.12
C ASP B 55 -1.72 4.73 -13.55
N TYR B 56 -1.14 5.55 -12.68
CA TYR B 56 -0.11 6.49 -13.07
C TYR B 56 1.16 6.21 -12.29
N GLY B 57 2.29 6.15 -12.97
CA GLY B 57 3.54 5.86 -12.29
C GLY B 57 4.77 6.14 -13.12
N ILE B 58 5.82 5.36 -12.87
CA ILE B 58 7.12 5.58 -13.49
C ILE B 58 7.63 4.26 -14.09
N ILE B 59 8.54 4.40 -15.04
CA ILE B 59 9.37 3.28 -15.48
C ILE B 59 10.66 3.33 -14.67
N PRO B 60 10.99 2.29 -13.91
CA PRO B 60 12.24 2.31 -13.13
C PRO B 60 13.45 2.48 -14.02
N GLN B 61 14.50 3.06 -13.45
CA GLN B 61 15.78 3.24 -14.15
CA GLN B 61 15.78 3.24 -14.15
C GLN B 61 15.59 3.97 -15.48
N THR B 62 14.78 5.03 -15.45
CA THR B 62 14.67 5.95 -16.57
C THR B 62 14.83 7.36 -16.04
N TRP B 63 15.11 8.27 -16.95
CA TRP B 63 15.22 9.68 -16.63
C TRP B 63 14.69 10.47 -17.81
N TYR B 64 14.14 11.65 -17.54
CA TYR B 64 13.46 12.40 -18.58
C TYR B 64 13.77 13.88 -18.46
N ASP B 65 13.38 14.61 -19.48
CA ASP B 65 13.75 16.01 -19.64
C ASP B 65 13.27 16.89 -18.49
N ASP B 66 12.22 16.50 -17.74
CA ASP B 66 11.74 17.28 -16.61
C ASP B 66 12.44 16.95 -15.30
N GLY B 67 13.54 16.20 -15.35
CA GLY B 67 14.28 15.87 -14.13
CA GLY B 67 14.27 15.88 -14.13
C GLY B 67 13.56 14.85 -13.28
N ASP B 68 12.98 13.82 -13.90
N ASP B 68 13.03 13.81 -13.91
CA ASP B 68 12.24 12.81 -13.19
CA ASP B 68 12.17 12.83 -13.27
C ASP B 68 12.20 11.56 -14.06
C ASP B 68 12.25 11.54 -14.08
N PRO B 69 11.96 10.40 -13.46
CA PRO B 69 11.77 9.19 -14.27
C PRO B 69 10.64 9.39 -15.26
N PHE B 70 10.64 8.67 -16.29
CA PHE B 70 9.67 8.69 -17.38
C PHE B 70 8.30 8.22 -16.87
N ASP B 71 7.31 9.13 -17.08
CA ASP B 71 5.94 8.89 -16.63
C ASP B 71 5.25 7.85 -17.51
N ILE B 72 4.50 6.95 -16.89
CA ILE B 72 3.78 5.91 -17.61
C ILE B 72 2.35 5.83 -17.09
N MET B 73 1.41 5.69 -18.03
CA MET B 73 -0.01 5.59 -17.75
C MET B 73 -0.45 4.19 -18.17
N VAL B 74 -0.96 3.41 -17.22
CA VAL B 74 -1.39 2.04 -17.49
C VAL B 74 -2.92 1.99 -17.39
N ILE B 75 -3.57 1.44 -18.42
CA ILE B 75 -5.01 1.27 -18.41
C ILE B 75 -5.34 -0.01 -17.64
N MET B 76 -5.85 0.13 -16.41
CA MET B 76 -6.25 -1.00 -15.59
C MET B 76 -7.76 -0.94 -15.34
N ARG B 77 -8.42 -2.09 -15.45
CA ARG B 77 -9.85 -2.15 -15.17
C ARG B 77 -10.12 -1.96 -13.68
N GLU B 78 -9.48 -2.77 -12.84
CA GLU B 78 -9.46 -2.58 -11.40
C GLU B 78 -8.15 -1.89 -11.06
N PRO B 79 -8.17 -0.70 -10.44
CA PRO B 79 -6.90 -0.02 -10.15
C PRO B 79 -6.05 -0.81 -9.18
N VAL B 80 -4.74 -0.62 -9.28
CA VAL B 80 -3.80 -1.28 -8.37
C VAL B 80 -3.50 -0.35 -7.21
N TYR B 81 -2.77 -0.86 -6.23
CA TYR B 81 -2.34 -0.09 -5.08
C TYR B 81 -1.04 0.64 -5.39
N PRO B 82 -0.74 1.75 -4.70
CA PRO B 82 0.54 2.40 -4.92
C PRO B 82 1.70 1.43 -4.65
N LEU B 83 2.75 1.60 -5.45
CA LEU B 83 3.97 0.79 -5.40
C LEU B 83 3.80 -0.62 -5.94
N THR B 84 2.79 -0.85 -6.79
CA THR B 84 2.62 -2.14 -7.46
C THR B 84 3.32 -2.13 -8.80
N ILE B 85 4.06 -3.20 -9.09
CA ILE B 85 4.71 -3.39 -10.39
C ILE B 85 3.71 -4.02 -11.35
N ILE B 86 3.59 -3.46 -12.55
CA ILE B 86 2.77 -4.03 -13.62
C ILE B 86 3.65 -4.23 -14.85
N GLU B 87 3.62 -5.43 -15.42
N GLU B 87 3.63 -5.44 -15.42
CA GLU B 87 4.25 -5.66 -16.73
CA GLU B 87 4.23 -5.67 -16.73
C GLU B 87 3.35 -5.06 -17.80
C GLU B 87 3.33 -5.03 -17.78
N ALA B 88 3.89 -4.07 -18.54
CA ALA B 88 3.06 -3.22 -19.39
C ALA B 88 3.59 -3.15 -20.81
N ARG B 89 2.65 -3.19 -21.76
CA ARG B 89 2.95 -3.07 -23.18
C ARG B 89 2.69 -1.64 -23.63
N PRO B 90 3.72 -0.90 -24.04
CA PRO B 90 3.47 0.46 -24.56
C PRO B 90 2.67 0.41 -25.86
N ILE B 91 1.64 1.25 -25.95
CA ILE B 91 0.82 1.35 -27.15
C ILE B 91 0.80 2.74 -27.75
N GLY B 92 1.32 3.75 -27.06
CA GLY B 92 1.32 5.10 -27.61
C GLY B 92 1.96 6.03 -26.60
N ILE B 93 1.94 7.32 -26.93
CA ILE B 93 2.62 8.30 -26.08
C ILE B 93 1.90 9.64 -26.19
N MET B 94 1.64 10.25 -25.04
CA MET B 94 1.01 11.57 -25.01
C MET B 94 2.11 12.62 -25.03
N LYS B 95 2.04 13.53 -26.00
CA LYS B 95 3.04 14.57 -26.16
C LYS B 95 2.59 15.80 -25.38
N MET B 96 3.27 16.07 -24.28
CA MET B 96 2.90 17.11 -23.35
C MET B 96 4.11 17.95 -23.00
N GLU B 97 3.93 19.27 -23.01
N GLU B 97 3.93 19.27 -22.96
CA GLU B 97 4.88 20.19 -22.41
CA GLU B 97 4.91 20.20 -22.42
C GLU B 97 4.27 20.63 -21.09
C GLU B 97 4.33 20.77 -21.13
N ASP B 98 5.08 20.64 -20.04
CA ASP B 98 4.59 20.94 -18.70
C ASP B 98 5.49 22.01 -18.09
N SER B 99 4.95 23.22 -17.93
CA SER B 99 5.68 24.33 -17.32
C SER B 99 6.99 24.60 -18.04
N GLY B 100 7.01 24.37 -19.35
CA GLY B 100 8.18 24.59 -20.16
C GLY B 100 9.08 23.40 -20.34
N ASP B 101 8.79 22.26 -19.71
CA ASP B 101 9.61 21.07 -19.82
C ASP B 101 8.89 20.02 -20.66
N LYS B 102 9.66 19.34 -21.52
CA LYS B 102 9.11 18.18 -22.20
C LYS B 102 8.76 17.13 -21.16
N ASP B 103 7.50 16.68 -21.17
CA ASP B 103 7.03 15.72 -20.16
C ASP B 103 6.05 14.73 -20.79
N TRP B 104 6.48 14.12 -21.89
CA TRP B 104 5.65 13.12 -22.56
C TRP B 104 5.44 11.90 -21.66
N LYS B 105 4.35 11.18 -21.91
CA LYS B 105 3.96 10.06 -21.05
C LYS B 105 3.58 8.85 -21.87
N VAL B 106 4.14 7.70 -21.52
CA VAL B 106 3.79 6.45 -22.19
C VAL B 106 2.38 6.05 -21.82
N LEU B 107 1.60 5.62 -22.81
CA LEU B 107 0.32 4.96 -22.58
C LEU B 107 0.52 3.47 -22.81
N ALA B 108 0.12 2.65 -21.84
CA ALA B 108 0.40 1.22 -21.88
C ALA B 108 -0.79 0.44 -21.36
N VAL B 109 -0.81 -0.85 -21.70
CA VAL B 109 -1.82 -1.78 -21.18
C VAL B 109 -1.14 -2.93 -20.44
N PRO B 110 -1.81 -3.55 -19.47
CA PRO B 110 -1.20 -4.70 -18.77
C PRO B 110 -1.10 -5.90 -19.68
N VAL B 111 0.09 -6.49 -19.75
N VAL B 111 0.09 -6.52 -19.74
CA VAL B 111 0.31 -7.71 -20.53
CA VAL B 111 0.27 -7.70 -20.56
C VAL B 111 -0.61 -8.82 -20.03
C VAL B 111 -0.38 -8.94 -19.97
N GLU B 112 -0.81 -8.91 -18.71
CA GLU B 112 -1.45 -10.05 -18.07
C GLU B 112 -2.94 -9.82 -17.78
N ASP B 113 -3.57 -8.88 -18.46
CA ASP B 113 -5.02 -8.80 -18.48
C ASP B 113 -5.49 -9.13 -19.90
N PRO B 114 -6.10 -10.27 -20.13
CA PRO B 114 -6.45 -10.65 -21.51
C PRO B 114 -7.46 -9.72 -22.16
N TYR B 115 -8.16 -8.91 -21.37
CA TYR B 115 -9.06 -7.89 -21.93
C TYR B 115 -8.34 -7.03 -22.97
N PHE B 116 -7.06 -6.75 -22.75
CA PHE B 116 -6.31 -5.83 -23.60
C PHE B 116 -5.45 -6.53 -24.63
N ASN B 117 -5.66 -7.84 -24.88
CA ASN B 117 -4.76 -8.57 -25.77
C ASN B 117 -4.69 -7.97 -27.16
N ASP B 118 -5.77 -7.38 -27.64
CA ASP B 118 -5.77 -6.81 -28.98
C ASP B 118 -5.45 -5.31 -29.00
N TRP B 119 -5.10 -4.72 -27.86
CA TRP B 119 -4.67 -3.33 -27.81
C TRP B 119 -3.16 -3.31 -28.03
N LYS B 120 -2.73 -2.87 -29.22
CA LYS B 120 -1.33 -2.89 -29.59
C LYS B 120 -0.81 -1.55 -30.08
N ASP B 121 -1.69 -0.61 -30.41
CA ASP B 121 -1.25 0.68 -30.93
C ASP B 121 -2.28 1.73 -30.57
N ILE B 122 -1.93 2.99 -30.83
CA ILE B 122 -2.74 4.11 -30.38
C ILE B 122 -4.10 4.11 -31.05
N SER B 123 -4.19 3.53 -32.26
CA SER B 123 -5.47 3.43 -32.98
C SER B 123 -6.44 2.45 -32.34
N ASP B 124 -6.01 1.64 -31.38
CA ASP B 124 -6.88 0.70 -30.69
C ASP B 124 -7.63 1.33 -29.52
N VAL B 125 -7.31 2.57 -29.15
CA VAL B 125 -7.88 3.22 -27.98
C VAL B 125 -9.08 4.06 -28.42
N PRO B 126 -10.21 4.01 -27.73
CA PRO B 126 -11.33 4.90 -28.07
C PRO B 126 -10.89 6.35 -28.06
N LYS B 127 -11.29 7.07 -29.11
CA LYS B 127 -10.89 8.48 -29.25
C LYS B 127 -11.32 9.28 -28.02
N ALA B 128 -12.51 9.03 -27.50
CA ALA B 128 -12.98 9.79 -26.35
C ALA B 128 -12.08 9.56 -25.13
N PHE B 129 -11.48 8.37 -25.04
CA PHE B 129 -10.61 8.09 -23.90
C PHE B 129 -9.28 8.84 -24.03
N LEU B 130 -8.70 8.87 -25.22
CA LEU B 130 -7.52 9.70 -25.43
C LEU B 130 -7.84 11.15 -25.13
N ASP B 131 -9.00 11.63 -25.56
CA ASP B 131 -9.36 13.02 -25.32
C ASP B 131 -9.52 13.30 -23.82
N GLU B 132 -10.07 12.33 -23.08
CA GLU B 132 -10.28 12.54 -21.64
C GLU B 132 -8.95 12.62 -20.91
N ILE B 133 -7.97 11.81 -21.33
CA ILE B 133 -6.65 11.86 -20.71
C ILE B 133 -5.97 13.19 -21.03
N ALA B 134 -5.97 13.56 -22.31
CA ALA B 134 -5.37 14.83 -22.71
C ALA B 134 -6.03 15.99 -21.98
N HIS B 135 -7.36 15.97 -21.85
CA HIS B 135 -8.06 17.07 -21.20
C HIS B 135 -7.67 17.17 -19.72
N PHE B 136 -7.57 16.03 -19.03
CA PHE B 136 -7.06 16.02 -17.67
C PHE B 136 -5.72 16.75 -17.57
N PHE B 137 -4.77 16.38 -18.42
CA PHE B 137 -3.46 17.03 -18.35
C PHE B 137 -3.49 18.47 -18.84
N GLN B 138 -4.46 18.83 -19.68
N GLN B 138 -4.46 18.83 -19.68
N GLN B 138 -4.47 18.82 -19.67
CA GLN B 138 -4.59 20.22 -20.14
CA GLN B 138 -4.58 20.22 -20.11
CA GLN B 138 -4.64 20.19 -20.14
C GLN B 138 -5.10 21.14 -19.03
C GLN B 138 -5.03 21.13 -18.97
C GLN B 138 -5.11 21.13 -19.03
N ARG B 139 -5.92 20.63 -18.10
CA ARG B 139 -6.58 21.48 -17.12
C ARG B 139 -6.25 21.19 -15.65
N TYR B 140 -5.61 20.07 -15.32
CA TYR B 140 -5.49 19.71 -13.91
C TYR B 140 -4.62 20.67 -13.10
N LYS B 141 -3.74 21.43 -13.73
CA LYS B 141 -2.91 22.40 -13.01
C LYS B 141 -3.39 23.84 -13.20
N GLU B 142 -4.58 24.05 -13.77
N GLU B 142 -4.56 24.05 -13.81
CA GLU B 142 -5.01 25.41 -14.07
CA GLU B 142 -5.08 25.40 -14.04
C GLU B 142 -5.12 26.26 -12.79
C GLU B 142 -5.04 26.22 -12.76
N LEU B 143 -5.64 25.70 -11.70
CA LEU B 143 -5.74 26.46 -10.46
C LEU B 143 -4.40 26.62 -9.75
N GLN B 144 -3.39 25.84 -10.14
CA GLN B 144 -2.02 26.08 -9.68
C GLN B 144 -1.30 27.16 -10.48
N GLY B 145 -1.92 27.66 -11.55
CA GLY B 145 -1.28 28.67 -12.37
C GLY B 145 -0.14 28.15 -13.21
N LYS B 146 -0.14 26.87 -13.57
N LYS B 146 -0.08 26.85 -13.46
CA LYS B 146 0.97 26.26 -14.30
CA LYS B 146 0.93 26.28 -14.33
C LYS B 146 0.50 25.85 -15.70
C LYS B 146 0.37 26.16 -15.73
N THR B 147 1.23 26.30 -16.72
CA THR B 147 0.86 26.08 -18.11
C THR B 147 1.26 24.69 -18.58
N THR B 148 0.31 23.98 -19.18
CA THR B 148 0.60 22.74 -19.87
C THR B 148 0.08 22.85 -21.30
N LYS B 149 0.70 22.07 -22.18
N LYS B 149 0.71 22.08 -22.19
CA LYS B 149 0.28 22.01 -23.58
CA LYS B 149 0.32 22.08 -23.59
C LYS B 149 0.25 20.55 -24.00
C LYS B 149 0.42 20.66 -24.11
N ILE B 150 -0.86 20.13 -24.60
N ILE B 150 -0.71 20.09 -24.54
CA ILE B 150 -1.01 18.76 -25.11
CA ILE B 150 -0.72 18.78 -25.16
C ILE B 150 -0.96 18.83 -26.62
C ILE B 150 -0.59 18.98 -26.67
N GLU B 151 0.15 18.40 -27.20
N GLU B 151 0.38 18.29 -27.26
CA GLU B 151 0.35 18.55 -28.64
CA GLU B 151 0.66 18.42 -28.69
C GLU B 151 -0.40 17.50 -29.45
C GLU B 151 0.05 17.32 -29.52
N GLY B 152 -0.55 16.30 -28.90
CA GLY B 152 -1.16 15.20 -29.61
C GLY B 152 -0.63 13.89 -29.08
N TRP B 153 -0.83 12.83 -29.86
CA TRP B 153 -0.45 11.48 -29.49
C TRP B 153 0.48 10.89 -30.54
N GLY B 154 1.49 10.16 -30.07
CA GLY B 154 2.33 9.36 -30.93
C GLY B 154 1.98 7.88 -30.83
N ASN B 155 2.42 7.09 -31.80
CA ASN B 155 2.04 5.69 -31.85
C ASN B 155 2.99 4.83 -31.01
N ALA B 156 2.78 3.51 -31.06
CA ALA B 156 3.54 2.59 -30.23
C ALA B 156 5.03 2.64 -30.56
N GLU B 157 5.37 2.76 -31.85
N GLU B 157 5.37 2.77 -31.85
CA GLU B 157 6.77 2.84 -32.23
CA GLU B 157 6.77 2.83 -32.22
C GLU B 157 7.44 4.07 -31.64
C GLU B 157 7.45 4.08 -31.68
N GLU B 158 6.76 5.22 -31.71
CA GLU B 158 7.32 6.44 -31.13
C GLU B 158 7.45 6.32 -29.62
N ALA B 159 6.46 5.71 -28.96
CA ALA B 159 6.55 5.48 -27.52
C ALA B 159 7.76 4.63 -27.18
N LYS B 160 7.99 3.55 -27.95
CA LYS B 160 9.11 2.66 -27.67
C LYS B 160 10.45 3.35 -27.89
N ARG B 161 10.56 4.18 -28.94
N ARG B 161 10.55 4.19 -28.92
N ARG B 161 10.54 4.22 -28.91
CA ARG B 161 11.80 4.94 -29.15
CA ARG B 161 11.77 4.95 -29.15
CA ARG B 161 11.73 5.03 -29.13
C ARG B 161 12.05 5.88 -27.97
C ARG B 161 12.03 5.92 -28.00
C ARG B 161 12.06 5.89 -27.91
N GLU B 162 11.01 6.50 -27.44
N GLU B 162 10.98 6.52 -27.44
CA GLU B 162 11.18 7.42 -26.33
CA GLU B 162 11.17 7.42 -26.31
C GLU B 162 11.54 6.67 -25.04
C GLU B 162 11.57 6.66 -25.06
N ILE B 163 11.01 5.46 -24.85
CA ILE B 163 11.42 4.65 -23.71
C ILE B 163 12.91 4.36 -23.77
N LEU B 164 13.40 3.96 -24.95
CA LEU B 164 14.83 3.70 -25.10
C LEU B 164 15.64 4.95 -24.78
N ARG B 165 15.17 6.11 -25.21
N ARG B 165 15.16 6.12 -25.21
N ARG B 165 15.17 6.11 -25.23
CA ARG B 165 15.86 7.37 -24.89
CA ARG B 165 15.83 7.38 -24.90
CA ARG B 165 15.86 7.37 -24.89
C ARG B 165 15.93 7.57 -23.38
C ARG B 165 15.91 7.60 -23.40
C ARG B 165 15.93 7.55 -23.38
N ALA B 166 14.81 7.35 -22.68
CA ALA B 166 14.78 7.57 -21.24
C ALA B 166 15.66 6.58 -20.49
N ILE B 167 15.74 5.34 -20.97
CA ILE B 167 16.63 4.36 -20.37
C ILE B 167 18.08 4.81 -20.50
N GLU B 168 18.47 5.32 -21.67
CA GLU B 168 19.84 5.78 -21.86
C GLU B 168 20.12 7.04 -21.04
N MET B 169 19.13 7.92 -20.90
CA MET B 169 19.31 9.13 -20.10
C MET B 169 19.59 8.78 -18.64
N TYR B 170 18.91 7.76 -18.11
CA TYR B 170 19.18 7.32 -16.74
C TYR B 170 20.62 6.83 -16.60
N LYS B 171 21.06 5.95 -17.50
N LYS B 171 21.07 5.99 -17.53
CA LYS B 171 22.43 5.44 -17.43
CA LYS B 171 22.45 5.51 -17.46
C LYS B 171 23.44 6.56 -17.57
C LYS B 171 23.44 6.67 -17.47
N GLU B 172 23.11 7.67 -18.21
N GLU B 172 23.17 7.69 -18.28
CA GLU B 172 24.01 8.82 -18.32
CA GLU B 172 24.08 8.84 -18.35
C GLU B 172 24.00 9.59 -17.04
C GLU B 172 24.02 9.67 -17.07
N LYS B 173 22.82 9.90 -16.52
CA LYS B 173 22.73 10.74 -15.34
C LYS B 173 23.34 10.08 -14.12
N PHE B 174 23.13 8.78 -13.99
CA PHE B 174 23.56 8.07 -12.81
C PHE B 174 24.82 7.23 -12.93
N GLY B 175 25.51 7.39 -14.05
CA GLY B 175 26.75 6.70 -14.27
C GLY B 175 26.70 5.20 -14.34
N LYS B 176 25.72 4.68 -15.04
CA LYS B 176 25.55 3.24 -15.20
C LYS B 176 25.93 2.78 -16.63
N MET C 1 13.63 -3.94 2.64
CA MET C 1 13.83 -5.25 3.24
C MET C 1 12.85 -6.26 2.64
N ASN C 2 13.14 -7.55 2.80
CA ASN C 2 12.35 -8.59 2.13
C ASN C 2 11.46 -9.32 3.12
N PRO C 3 10.15 -9.09 3.10
CA PRO C 3 9.28 -9.74 4.09
C PRO C 3 9.26 -11.25 4.00
N PHE C 4 9.44 -11.80 2.82
CA PHE C 4 9.40 -13.25 2.67
C PHE C 4 10.61 -13.93 3.33
N HIS C 5 11.77 -13.33 3.19
CA HIS C 5 12.99 -13.95 3.66
C HIS C 5 13.38 -13.54 5.07
N GLU C 6 12.96 -12.35 5.52
CA GLU C 6 13.48 -11.80 6.76
C GLU C 6 12.50 -11.81 7.92
N LEU C 7 11.23 -12.14 7.68
N LEU C 7 11.23 -12.14 7.69
CA LEU C 7 10.25 -12.28 8.75
CA LEU C 7 10.26 -12.33 8.77
C LEU C 7 10.12 -13.76 9.09
C LEU C 7 10.21 -13.81 9.15
N GLU C 8 10.08 -14.05 10.40
N GLU C 8 10.08 -14.07 10.45
CA GLU C 8 9.90 -15.42 10.85
CA GLU C 8 9.90 -15.44 10.91
C GLU C 8 8.52 -15.93 10.44
C GLU C 8 8.51 -15.93 10.53
N PRO C 9 8.33 -17.25 10.40
CA PRO C 9 7.00 -17.76 10.01
C PRO C 9 5.88 -17.37 10.95
N GLY C 10 6.18 -17.14 12.22
CA GLY C 10 5.18 -16.76 13.18
C GLY C 10 5.73 -16.57 14.56
N PRO C 11 4.93 -15.95 15.44
CA PRO C 11 5.38 -15.73 16.82
C PRO C 11 5.20 -16.93 17.73
N GLU C 12 4.40 -17.90 17.32
N GLU C 12 4.31 -17.86 17.40
CA GLU C 12 4.00 -19.02 18.17
CA GLU C 12 4.08 -19.07 18.21
C GLU C 12 3.74 -20.24 17.28
C GLU C 12 3.73 -20.22 17.26
N VAL C 13 4.70 -20.56 16.41
CA VAL C 13 4.47 -21.57 15.37
C VAL C 13 4.21 -22.93 16.00
N PRO C 14 3.21 -23.70 15.55
CA PRO C 14 2.29 -23.40 14.45
C PRO C 14 0.90 -22.90 14.92
N GLU C 15 0.75 -22.65 16.23
N GLU C 15 0.76 -22.64 16.22
CA GLU C 15 -0.52 -22.19 16.75
CA GLU C 15 -0.52 -22.20 16.77
C GLU C 15 -0.86 -20.79 16.26
C GLU C 15 -0.86 -20.79 16.32
N VAL C 16 0.14 -19.92 16.15
CA VAL C 16 -0.04 -18.58 15.61
C VAL C 16 1.07 -18.34 14.59
N VAL C 17 0.68 -18.01 13.36
CA VAL C 17 1.63 -17.71 12.30
C VAL C 17 1.44 -16.26 11.86
N TYR C 18 2.42 -15.74 11.15
CA TYR C 18 2.23 -14.48 10.45
C TYR C 18 1.68 -14.78 9.06
N ALA C 19 0.63 -14.06 8.68
CA ALA C 19 0.17 -14.05 7.30
C ALA C 19 0.55 -12.70 6.71
N LEU C 20 1.34 -12.73 5.64
N LEU C 20 1.35 -12.74 5.65
CA LEU C 20 1.65 -11.53 4.89
CA LEU C 20 1.66 -11.53 4.88
C LEU C 20 0.67 -11.48 3.73
C LEU C 20 0.67 -11.48 3.73
N ILE C 21 -0.27 -10.54 3.79
CA ILE C 21 -1.35 -10.51 2.82
C ILE C 21 -0.86 -9.92 1.51
N GLU C 22 -1.18 -10.59 0.40
CA GLU C 22 -0.93 -10.08 -0.93
C GLU C 22 -2.20 -9.51 -1.56
N ILE C 23 -3.34 -10.16 -1.37
CA ILE C 23 -4.58 -9.82 -2.06
C ILE C 23 -5.65 -9.56 -1.01
N PRO C 24 -6.20 -8.36 -0.91
CA PRO C 24 -7.35 -8.15 -0.03
C PRO C 24 -8.60 -8.84 -0.57
N LYS C 25 -9.43 -9.34 0.35
N LYS C 25 -9.43 -9.32 0.35
CA LYS C 25 -10.73 -9.85 -0.03
CA LYS C 25 -10.72 -9.89 -0.05
C LYS C 25 -11.42 -8.84 -0.94
C LYS C 25 -11.50 -8.88 -0.89
N GLY C 26 -12.05 -9.35 -2.00
CA GLY C 26 -12.80 -8.51 -2.92
C GLY C 26 -12.05 -8.14 -4.18
N SER C 27 -10.77 -8.47 -4.26
N SER C 27 -10.77 -8.47 -4.28
CA SER C 27 -9.96 -8.11 -5.42
CA SER C 27 -9.96 -8.07 -5.43
C SER C 27 -10.13 -9.13 -6.54
C SER C 27 -10.05 -9.11 -6.53
N ARG C 28 -10.09 -8.62 -7.77
CA ARG C 28 -9.93 -9.46 -8.95
C ARG C 28 -8.49 -9.43 -9.47
N ASN C 29 -7.70 -8.45 -9.06
CA ASN C 29 -6.29 -8.41 -9.43
C ASN C 29 -5.52 -9.42 -8.57
N LYS C 30 -4.73 -10.27 -9.22
CA LYS C 30 -3.97 -11.29 -8.52
C LYS C 30 -2.59 -10.71 -8.21
N TYR C 31 -2.50 -10.00 -7.09
CA TYR C 31 -1.23 -9.47 -6.63
C TYR C 31 -0.41 -10.58 -6.00
N GLU C 32 0.91 -10.43 -6.09
N GLU C 32 0.92 -10.43 -6.07
CA GLU C 32 1.84 -11.33 -5.41
CA GLU C 32 1.85 -11.36 -5.46
C GLU C 32 2.99 -10.51 -4.86
C GLU C 32 3.06 -10.59 -4.95
N LEU C 33 3.63 -11.05 -3.83
CA LEU C 33 4.87 -10.49 -3.36
C LEU C 33 5.97 -10.84 -4.36
N ASP C 34 6.68 -9.83 -4.84
CA ASP C 34 7.85 -10.06 -5.67
C ASP C 34 8.99 -10.48 -4.74
N LYS C 35 9.37 -11.75 -4.81
CA LYS C 35 10.26 -12.32 -3.80
C LYS C 35 11.66 -11.75 -3.82
N LYS C 36 12.05 -11.18 -4.95
CA LYS C 36 13.37 -10.60 -5.00
C LYS C 36 13.44 -9.18 -4.47
N THR C 37 12.45 -8.36 -4.76
CA THR C 37 12.45 -6.96 -4.36
C THR C 37 11.63 -6.67 -3.12
N GLY C 38 10.67 -7.52 -2.79
CA GLY C 38 9.76 -7.23 -1.70
C GLY C 38 8.63 -6.28 -2.05
N LEU C 39 8.53 -5.85 -3.31
CA LEU C 39 7.42 -5.03 -3.75
C LEU C 39 6.25 -5.90 -4.18
N LEU C 40 5.06 -5.31 -4.16
CA LEU C 40 3.88 -5.97 -4.70
C LEU C 40 3.96 -5.96 -6.22
N LYS C 41 3.53 -7.05 -6.83
CA LYS C 41 3.49 -7.17 -8.28
C LYS C 41 2.12 -7.68 -8.71
N LEU C 42 1.61 -7.17 -9.82
CA LEU C 42 0.42 -7.73 -10.41
C LEU C 42 0.85 -8.98 -11.18
N ASP C 43 0.48 -10.16 -10.68
CA ASP C 43 0.79 -11.36 -11.45
C ASP C 43 -0.09 -11.43 -12.69
N ARG C 44 -1.38 -11.22 -12.53
CA ARG C 44 -2.36 -11.22 -13.61
C ARG C 44 -3.65 -10.62 -13.08
N VAL C 45 -4.57 -10.36 -14.00
CA VAL C 45 -5.96 -10.11 -13.66
C VAL C 45 -6.71 -11.42 -13.87
N LEU C 46 -7.53 -11.83 -12.90
CA LEU C 46 -8.26 -13.07 -13.10
C LEU C 46 -9.10 -12.99 -14.36
N TYR C 47 -9.17 -14.12 -15.09
CA TYR C 47 -9.82 -14.12 -16.40
C TYR C 47 -11.34 -14.10 -16.28
N SER C 48 -11.87 -14.35 -15.09
CA SER C 48 -13.30 -14.40 -14.86
C SER C 48 -13.65 -13.35 -13.82
N PRO C 49 -14.94 -12.89 -13.78
CA PRO C 49 -15.35 -11.87 -12.80
C PRO C 49 -15.60 -12.48 -11.44
N PHE C 50 -14.52 -12.99 -10.86
CA PHE C 50 -14.51 -13.59 -9.54
C PHE C 50 -13.64 -12.70 -8.66
N PHE C 51 -13.89 -12.74 -7.36
CA PHE C 51 -13.08 -11.99 -6.41
C PHE C 51 -12.56 -12.91 -5.32
N TYR C 52 -11.40 -12.57 -4.78
CA TYR C 52 -10.84 -13.37 -3.69
C TYR C 52 -11.80 -13.35 -2.51
N PRO C 53 -12.24 -14.52 -2.02
CA PRO C 53 -13.22 -14.54 -0.93
C PRO C 53 -12.64 -14.35 0.46
N VAL C 54 -11.31 -14.29 0.56
CA VAL C 54 -10.56 -14.19 1.80
C VAL C 54 -9.41 -13.24 1.53
N ASP C 55 -8.81 -12.70 2.60
CA ASP C 55 -7.53 -12.04 2.45
C ASP C 55 -6.48 -13.11 2.19
N TYR C 56 -5.71 -12.97 1.13
CA TYR C 56 -4.92 -14.06 0.59
C TYR C 56 -3.44 -13.68 0.59
N GLY C 57 -2.60 -14.58 1.09
CA GLY C 57 -1.19 -14.26 1.10
C GLY C 57 -0.31 -15.44 1.40
N ILE C 58 0.81 -15.19 2.10
CA ILE C 58 1.84 -16.19 2.31
C ILE C 58 2.21 -16.22 3.79
N ILE C 59 2.77 -17.36 4.20
CA ILE C 59 3.48 -17.44 5.48
C ILE C 59 4.95 -17.17 5.17
N PRO C 60 5.58 -16.19 5.82
CA PRO C 60 7.00 -15.93 5.56
C PRO C 60 7.86 -17.15 5.87
N GLN C 61 8.99 -17.23 5.18
CA GLN C 61 9.95 -18.31 5.42
C GLN C 61 9.29 -19.69 5.32
N THR C 62 8.44 -19.85 4.32
CA THR C 62 7.91 -21.15 3.95
C THR C 62 8.13 -21.38 2.46
N TRP C 63 8.00 -22.64 2.05
CA TRP C 63 8.10 -23.02 0.65
C TRP C 63 7.17 -24.20 0.44
N TYR C 64 6.81 -24.45 -0.82
CA TYR C 64 5.80 -25.46 -1.08
C TYR C 64 6.02 -26.10 -2.44
N ASP C 65 5.28 -27.18 -2.72
CA ASP C 65 5.49 -28.04 -3.89
C ASP C 65 5.35 -27.29 -5.21
N ASP C 66 4.61 -26.19 -5.24
CA ASP C 66 4.42 -25.45 -6.48
C ASP C 66 5.50 -24.39 -6.71
N GLY C 67 6.58 -24.42 -5.92
N GLY C 67 6.57 -24.40 -5.91
CA GLY C 67 7.61 -23.41 -6.07
CA GLY C 67 7.66 -23.47 -6.13
C GLY C 67 7.09 -22.04 -5.70
C GLY C 67 7.39 -22.07 -5.63
N ASP C 68 6.61 -21.93 -4.47
N ASP C 68 6.63 -21.93 -4.56
CA ASP C 68 5.85 -20.78 -4.01
CA ASP C 68 6.29 -20.63 -3.98
C ASP C 68 5.76 -20.88 -2.50
C ASP C 68 6.11 -20.82 -2.49
N PRO C 69 5.90 -19.77 -1.77
N PRO C 69 6.04 -19.74 -1.72
CA PRO C 69 5.65 -19.80 -0.33
CA PRO C 69 5.71 -19.87 -0.31
C PRO C 69 4.26 -20.36 -0.05
C PRO C 69 4.34 -20.52 -0.10
N PHE C 70 4.12 -20.98 1.12
CA PHE C 70 2.86 -21.62 1.49
C PHE C 70 1.72 -20.59 1.50
N ASP C 71 0.61 -20.93 0.83
CA ASP C 71 -0.55 -20.04 0.71
C ASP C 71 -1.36 -20.05 1.99
N ILE C 72 -1.81 -18.87 2.42
CA ILE C 72 -2.66 -18.74 3.59
C ILE C 72 -3.84 -17.84 3.27
N MET C 73 -5.01 -18.24 3.73
CA MET C 73 -6.27 -17.53 3.56
C MET C 73 -6.72 -17.07 4.94
N VAL C 74 -6.85 -15.76 5.12
CA VAL C 74 -7.27 -15.19 6.41
C VAL C 74 -8.65 -14.60 6.26
N ILE C 75 -9.56 -14.98 7.15
CA ILE C 75 -10.92 -14.44 7.14
C ILE C 75 -10.89 -13.10 7.88
N MET C 76 -10.98 -12.00 7.13
CA MET C 76 -11.03 -10.65 7.70
C MET C 76 -12.38 -10.01 7.39
N ARG C 77 -12.96 -9.35 8.38
CA ARG C 77 -14.20 -8.62 8.16
C ARG C 77 -13.97 -7.40 7.28
N GLU C 78 -13.03 -6.54 7.67
N GLU C 78 -13.01 -6.56 7.65
CA GLU C 78 -12.55 -5.45 6.82
CA GLU C 78 -12.60 -5.49 6.78
C GLU C 78 -11.27 -5.92 6.17
C GLU C 78 -11.26 -5.85 6.16
N PRO C 79 -11.17 -5.96 4.84
CA PRO C 79 -9.92 -6.43 4.22
C PRO C 79 -8.75 -5.53 4.57
N VAL C 80 -7.56 -6.12 4.61
CA VAL C 80 -6.34 -5.36 4.88
C VAL C 80 -5.69 -4.93 3.57
N TYR C 81 -4.78 -3.98 3.64
CA TYR C 81 -4.02 -3.56 2.49
C TYR C 81 -2.95 -4.60 2.15
N PRO C 82 -2.54 -4.68 0.88
CA PRO C 82 -1.43 -5.58 0.53
C PRO C 82 -0.19 -5.25 1.35
N LEU C 83 0.55 -6.31 1.70
CA LEU C 83 1.79 -6.27 2.45
C LEU C 83 1.57 -6.04 3.94
N THR C 84 0.34 -6.20 4.42
CA THR C 84 0.05 -6.13 5.85
C THR C 84 0.30 -7.49 6.51
N ILE C 85 0.94 -7.47 7.68
CA ILE C 85 1.16 -8.66 8.48
C ILE C 85 -0.02 -8.85 9.43
N ILE C 86 -0.58 -10.05 9.47
CA ILE C 86 -1.65 -10.41 10.39
C ILE C 86 -1.18 -11.60 11.23
N GLU C 87 -1.36 -11.50 12.56
CA GLU C 87 -1.19 -12.66 13.42
C GLU C 87 -2.40 -13.57 13.28
N ALA C 88 -2.20 -14.80 12.82
CA ALA C 88 -3.29 -15.64 12.36
C ALA C 88 -3.27 -16.99 13.05
N ARG C 89 -4.46 -17.47 13.42
CA ARG C 89 -4.62 -18.79 14.02
C ARG C 89 -5.11 -19.75 12.95
N PRO C 90 -4.33 -20.77 12.59
CA PRO C 90 -4.82 -21.77 11.63
C PRO C 90 -5.98 -22.56 12.21
N ILE C 91 -7.03 -22.73 11.42
CA ILE C 91 -8.20 -23.51 11.83
C ILE C 91 -8.52 -24.65 10.87
N GLY C 92 -7.84 -24.74 9.73
CA GLY C 92 -8.12 -25.82 8.80
C GLY C 92 -7.28 -25.63 7.56
N ILE C 93 -7.48 -26.52 6.59
CA ILE C 93 -6.63 -26.51 5.40
C ILE C 93 -7.42 -27.01 4.19
N MET C 94 -7.36 -26.26 3.10
CA MET C 94 -8.00 -26.67 1.86
C MET C 94 -7.04 -27.54 1.06
N LYS C 95 -7.47 -28.74 0.69
CA LYS C 95 -6.63 -29.69 -0.02
C LYS C 95 -6.87 -29.49 -1.51
N MET C 96 -5.88 -28.97 -2.21
CA MET C 96 -6.01 -28.61 -3.61
C MET C 96 -4.79 -29.11 -4.37
N GLU C 97 -5.03 -29.65 -5.56
N GLU C 97 -5.04 -29.73 -5.52
CA GLU C 97 -4.00 -29.96 -6.53
CA GLU C 97 -3.99 -29.94 -6.52
C GLU C 97 -4.15 -29.02 -7.72
C GLU C 97 -4.20 -28.91 -7.61
N ASP C 98 -3.13 -28.24 -8.00
CA ASP C 98 -3.19 -27.15 -8.96
C ASP C 98 -2.20 -27.43 -10.08
N SER C 99 -2.71 -27.73 -11.27
CA SER C 99 -1.87 -27.97 -12.44
C SER C 99 -0.83 -29.06 -12.18
N GLY C 100 -1.20 -30.05 -11.37
CA GLY C 100 -0.31 -31.15 -11.04
C GLY C 100 0.52 -30.98 -9.79
N ASP C 101 0.50 -29.80 -9.17
CA ASP C 101 1.24 -29.55 -7.95
C ASP C 101 0.32 -29.60 -6.74
N LYS C 102 0.80 -30.25 -5.68
CA LYS C 102 0.16 -30.03 -4.38
C LYS C 102 0.18 -28.54 -4.05
N ASP C 103 -0.97 -27.98 -3.71
CA ASP C 103 -1.05 -26.56 -3.43
C ASP C 103 -2.11 -26.31 -2.37
N TRP C 104 -2.00 -27.01 -1.25
CA TRP C 104 -2.92 -26.84 -0.14
C TRP C 104 -2.77 -25.46 0.46
N LYS C 105 -3.83 -24.98 1.11
CA LYS C 105 -3.87 -23.62 1.63
C LYS C 105 -4.41 -23.60 3.05
N VAL C 106 -3.68 -22.94 3.95
CA VAL C 106 -4.15 -22.79 5.33
C VAL C 106 -5.35 -21.86 5.34
N LEU C 107 -6.38 -22.23 6.10
CA LEU C 107 -7.46 -21.32 6.45
C LEU C 107 -7.25 -20.86 7.89
N ALA C 108 -7.27 -19.54 8.09
CA ALA C 108 -6.92 -18.97 9.40
C ALA C 108 -7.83 -17.80 9.71
N VAL C 109 -7.88 -17.45 11.01
CA VAL C 109 -8.60 -16.27 11.47
C VAL C 109 -7.63 -15.33 12.19
N PRO C 110 -7.91 -14.02 12.20
CA PRO C 110 -7.03 -13.10 12.94
C PRO C 110 -7.17 -13.31 14.44
N VAL C 111 -6.02 -13.46 15.11
CA VAL C 111 -6.02 -13.58 16.57
C VAL C 111 -6.61 -12.36 17.24
N GLU C 112 -6.42 -11.17 16.66
CA GLU C 112 -6.76 -9.91 17.31
C GLU C 112 -8.07 -9.31 16.81
N ASP C 113 -8.96 -10.12 16.24
CA ASP C 113 -10.33 -9.70 16.04
C ASP C 113 -11.20 -10.59 16.93
N PRO C 114 -11.81 -10.05 17.98
CA PRO C 114 -12.56 -10.90 18.92
C PRO C 114 -13.78 -11.57 18.29
N TYR C 115 -14.23 -11.08 17.13
CA TYR C 115 -15.33 -11.74 16.42
C TYR C 115 -15.03 -13.22 16.22
N PHE C 116 -13.77 -13.58 16.01
CA PHE C 116 -13.37 -14.94 15.65
C PHE C 116 -12.85 -15.74 16.84
N ASN C 117 -13.06 -15.26 18.07
CA ASN C 117 -12.44 -15.90 19.24
C ASN C 117 -12.83 -17.37 19.37
N ASP C 118 -14.04 -17.73 18.98
CA ASP C 118 -14.50 -19.12 19.11
C ASP C 118 -14.29 -19.94 17.85
N TRP C 119 -13.67 -19.37 16.81
CA TRP C 119 -13.30 -20.13 15.62
C TRP C 119 -11.93 -20.75 15.86
N LYS C 120 -11.90 -22.06 16.06
CA LYS C 120 -10.67 -22.77 16.36
C LYS C 120 -10.45 -24.01 15.49
N ASP C 121 -11.46 -24.47 14.77
CA ASP C 121 -11.31 -25.65 13.94
C ASP C 121 -12.24 -25.53 12.75
N ILE C 122 -12.07 -26.45 11.80
CA ILE C 122 -12.77 -26.37 10.51
C ILE C 122 -14.28 -26.49 10.69
N SER C 123 -14.71 -27.18 11.75
CA SER C 123 -16.13 -27.34 12.05
C SER C 123 -16.79 -26.05 12.53
N ASP C 124 -16.03 -24.99 12.81
CA ASP C 124 -16.59 -23.72 13.23
C ASP C 124 -16.96 -22.81 12.05
N VAL C 125 -16.64 -23.20 10.83
CA VAL C 125 -16.84 -22.37 9.64
C VAL C 125 -18.15 -22.74 8.99
N PRO C 126 -18.98 -21.76 8.58
CA PRO C 126 -20.20 -22.10 7.84
C PRO C 126 -19.88 -22.94 6.61
N LYS C 127 -20.66 -24.02 6.43
N LYS C 127 -20.65 -24.01 6.43
CA LYS C 127 -20.42 -24.93 5.32
CA LYS C 127 -20.42 -24.92 5.31
C LYS C 127 -20.46 -24.19 3.99
C LYS C 127 -20.46 -24.19 3.99
N ALA C 128 -21.40 -23.26 3.82
CA ALA C 128 -21.51 -22.54 2.56
C ALA C 128 -20.28 -21.71 2.27
N PHE C 129 -19.60 -21.24 3.32
CA PHE C 129 -18.38 -20.46 3.13
C PHE C 129 -17.24 -21.34 2.67
N LEU C 130 -17.08 -22.52 3.28
CA LEU C 130 -16.09 -23.46 2.77
C LEU C 130 -16.36 -23.80 1.31
N ASP C 131 -17.64 -24.04 0.98
CA ASP C 131 -17.99 -24.36 -0.41
C ASP C 131 -17.68 -23.22 -1.36
N GLU C 132 -17.91 -21.96 -0.94
CA GLU C 132 -17.64 -20.83 -1.82
C GLU C 132 -16.14 -20.69 -2.08
N ILE C 133 -15.31 -20.94 -1.05
CA ILE C 133 -13.86 -20.91 -1.25
C ILE C 133 -13.42 -22.02 -2.19
N ALA C 134 -13.88 -23.24 -1.92
CA ALA C 134 -13.53 -24.37 -2.78
C ALA C 134 -13.96 -24.12 -4.22
N HIS C 135 -15.16 -23.56 -4.41
CA HIS C 135 -15.67 -23.35 -5.76
C HIS C 135 -14.82 -22.31 -6.49
N PHE C 136 -14.43 -21.23 -5.80
CA PHE C 136 -13.51 -20.26 -6.36
C PHE C 136 -12.26 -20.94 -6.92
N PHE C 137 -11.62 -21.78 -6.11
CA PHE C 137 -10.40 -22.43 -6.58
C PHE C 137 -10.67 -23.52 -7.62
N GLN C 138 -11.87 -24.08 -7.64
N GLN C 138 -11.88 -24.08 -7.62
CA GLN C 138 -12.23 -25.06 -8.64
CA GLN C 138 -12.24 -25.05 -8.65
C GLN C 138 -12.42 -24.43 -10.02
C GLN C 138 -12.38 -24.41 -10.02
N ARG C 139 -12.84 -23.17 -10.09
CA ARG C 139 -13.23 -22.55 -11.36
C ARG C 139 -12.43 -21.32 -11.77
N TYR C 140 -11.65 -20.70 -10.87
CA TYR C 140 -11.06 -19.40 -11.21
C TYR C 140 -10.03 -19.45 -12.33
N LYS C 141 -9.43 -20.60 -12.61
N LYS C 141 -9.44 -20.62 -12.61
CA LYS C 141 -8.49 -20.70 -13.72
CA LYS C 141 -8.47 -20.80 -13.67
C LYS C 141 -9.04 -21.55 -14.86
C LYS C 141 -9.05 -21.45 -14.92
N GLU C 142 -10.37 -21.69 -14.94
CA GLU C 142 -10.96 -22.43 -16.06
C GLU C 142 -10.69 -21.76 -17.40
N LEU C 143 -10.79 -20.44 -17.47
CA LEU C 143 -10.51 -19.76 -18.74
C LEU C 143 -9.03 -19.70 -19.06
N GLN C 144 -8.15 -20.01 -18.10
CA GLN C 144 -6.72 -20.17 -18.38
C GLN C 144 -6.39 -21.59 -18.84
N GLY C 145 -7.34 -22.50 -18.84
CA GLY C 145 -7.09 -23.87 -19.27
C GLY C 145 -6.27 -24.69 -18.29
N LYS C 146 -6.29 -24.36 -17.01
CA LYS C 146 -5.50 -25.06 -16.01
C LYS C 146 -6.39 -25.97 -15.19
N THR C 147 -5.92 -27.19 -14.94
CA THR C 147 -6.69 -28.15 -14.17
C THR C 147 -6.45 -27.95 -12.68
N THR C 148 -7.53 -27.82 -11.93
CA THR C 148 -7.44 -27.80 -10.48
C THR C 148 -8.38 -28.86 -9.92
N LYS C 149 -8.02 -29.40 -8.76
CA LYS C 149 -8.83 -30.39 -8.08
C LYS C 149 -8.89 -30.02 -6.61
N ILE C 150 -10.10 -29.90 -6.07
CA ILE C 150 -10.28 -29.66 -4.65
C ILE C 150 -10.69 -30.97 -4.01
N GLU C 151 -9.83 -31.47 -3.12
CA GLU C 151 -10.01 -32.78 -2.54
C GLU C 151 -10.87 -32.76 -1.27
N GLY C 152 -11.01 -31.60 -0.64
CA GLY C 152 -11.75 -31.47 0.59
C GLY C 152 -11.00 -30.59 1.56
N TRP C 153 -11.35 -30.69 2.83
CA TRP C 153 -10.80 -29.84 3.88
C TRP C 153 -10.22 -30.71 4.99
N GLY C 154 -9.10 -30.28 5.53
CA GLY C 154 -8.52 -30.88 6.72
C GLY C 154 -8.72 -29.97 7.93
N ASN C 155 -8.55 -30.56 9.12
CA ASN C 155 -8.79 -29.83 10.36
C ASN C 155 -7.56 -29.02 10.77
N ALA C 156 -7.67 -28.36 11.93
CA ALA C 156 -6.60 -27.47 12.39
C ALA C 156 -5.31 -28.24 12.64
N GLU C 157 -5.40 -29.45 13.18
N GLU C 157 -5.41 -29.46 13.17
CA GLU C 157 -4.19 -30.23 13.42
CA GLU C 157 -4.23 -30.26 13.42
C GLU C 157 -3.48 -30.56 12.11
C GLU C 157 -3.49 -30.59 12.14
N GLU C 158 -4.23 -30.95 11.08
CA GLU C 158 -3.60 -31.24 9.80
C GLU C 158 -3.00 -29.97 9.19
N ALA C 159 -3.66 -28.83 9.38
CA ALA C 159 -3.12 -27.56 8.89
C ALA C 159 -1.80 -27.24 9.58
N LYS C 160 -1.74 -27.43 10.90
CA LYS C 160 -0.52 -27.11 11.62
C LYS C 160 0.62 -28.03 11.22
N ARG C 161 0.33 -29.31 10.96
N ARG C 161 0.35 -29.31 10.96
N ARG C 161 0.32 -29.30 10.95
CA ARG C 161 1.38 -30.20 10.45
CA ARG C 161 1.44 -30.18 10.54
CA ARG C 161 1.31 -30.25 10.47
C ARG C 161 1.91 -29.74 9.09
C ARG C 161 1.88 -29.90 9.11
C ARG C 161 1.94 -29.79 9.17
N GLU C 162 1.00 -29.28 8.22
N GLU C 162 1.02 -29.29 8.28
CA GLU C 162 1.44 -28.80 6.91
CA GLU C 162 1.47 -28.86 6.97
C GLU C 162 2.28 -27.54 7.03
C GLU C 162 2.28 -27.56 7.04
N ILE C 163 1.93 -26.67 7.98
CA ILE C 163 2.74 -25.48 8.21
C ILE C 163 4.17 -25.86 8.59
N LEU C 164 4.31 -26.85 9.49
CA LEU C 164 5.65 -27.30 9.86
C LEU C 164 6.39 -27.86 8.65
N ARG C 165 5.70 -28.62 7.81
N ARG C 165 5.69 -28.57 7.77
N ARG C 165 5.69 -28.60 7.79
CA ARG C 165 6.29 -29.14 6.57
CA ARG C 165 6.35 -29.12 6.59
CA ARG C 165 6.33 -29.11 6.58
C ARG C 165 6.79 -27.99 5.68
C ARG C 165 6.77 -28.02 5.62
C ARG C 165 6.81 -27.98 5.69
N ALA C 166 5.97 -26.96 5.49
CA ALA C 166 6.33 -25.86 4.60
C ALA C 166 7.48 -25.03 5.18
N ILE C 167 7.51 -24.87 6.50
CA ILE C 167 8.64 -24.20 7.15
C ILE C 167 9.93 -24.95 6.88
N GLU C 168 9.87 -26.29 6.97
CA GLU C 168 11.05 -27.09 6.71
C GLU C 168 11.47 -27.03 5.24
N MET C 169 10.50 -27.01 4.33
N MET C 169 10.50 -27.00 4.32
CA MET C 169 10.82 -26.92 2.90
CA MET C 169 10.85 -26.93 2.91
C MET C 169 11.59 -25.65 2.59
C MET C 169 11.60 -25.65 2.59
N TYR C 170 11.24 -24.54 3.24
CA TYR C 170 11.98 -23.29 3.05
C TYR C 170 13.42 -23.45 3.47
N LYS C 171 13.65 -24.06 4.64
CA LYS C 171 15.01 -24.24 5.14
C LYS C 171 15.83 -25.11 4.18
N GLU C 172 15.19 -26.12 3.58
CA GLU C 172 15.90 -26.98 2.63
C GLU C 172 16.19 -26.23 1.34
N LYS C 173 15.25 -25.41 0.86
CA LYS C 173 15.42 -24.73 -0.42
C LYS C 173 16.45 -23.61 -0.33
N PHE C 174 16.44 -22.85 0.76
CA PHE C 174 17.27 -21.66 0.88
C PHE C 174 18.43 -21.82 1.86
N GLY C 175 18.69 -23.06 2.29
CA GLY C 175 19.76 -23.33 3.23
C GLY C 175 19.44 -22.85 4.63
#